data_5MLQ
#
_entry.id   5MLQ
#
_cell.length_a   144.287
_cell.length_b   144.287
_cell.length_c   103.504
_cell.angle_alpha   90.00
_cell.angle_beta   90.00
_cell.angle_gamma   90.00
#
_symmetry.space_group_name_H-M   'P 43 21 2'
#
loop_
_entity.id
_entity.type
_entity.pdbx_description
1 polymer CDPS
2 non-polymer 'CITRIC ACID'
#
_entity_poly.entity_id   1
_entity_poly.type   'polypeptide(L)'
_entity_poly.pdbx_seq_one_letter_code
;(MSE)ATTTTLLSASHKAAYDLRSDGITTDGRSTVLLVSVGADYHEGEKLAATIDLINRSNFGRVSIAVADTLQRHNLSG
GTDIDRHARARIAGDEWIARNSTLLDRIDCPTNVLRWDFALSHPRYGDLYDAVEHAYETDEPYRHAIDSTIDRFIERRLS
REPDVDQESVRKACRAYLLEECPII(MSE)PLWAHEGFDFVIYPQRISAA(MSE)GRTRELFVVPEHPDRVAWLPLRFKK
RKSALHGAREEQRSHHHHHH
;
_entity_poly.pdbx_strand_id   A,B
#
# COMPACT_ATOMS: atom_id res chain seq x y z
N THR A 5 -15.19 -22.21 11.47
CA THR A 5 -14.44 -23.34 10.89
C THR A 5 -14.90 -23.66 9.41
N THR A 6 -15.30 -22.59 8.62
CA THR A 6 -15.74 -22.70 7.20
C THR A 6 -14.54 -22.46 6.27
N LEU A 7 -14.09 -23.55 5.63
CA LEU A 7 -12.92 -23.59 4.75
C LEU A 7 -13.17 -23.09 3.33
N LEU A 8 -12.08 -22.60 2.71
CA LEU A 8 -11.99 -22.01 1.36
C LEU A 8 -11.62 -23.05 0.32
N SER A 9 -11.00 -24.14 0.78
CA SER A 9 -10.61 -25.28 -0.04
C SER A 9 -10.83 -26.49 0.83
N ALA A 10 -11.87 -27.29 0.52
CA ALA A 10 -12.15 -28.49 1.31
C ALA A 10 -11.24 -29.65 0.88
N SER A 11 -10.75 -29.59 -0.37
CA SER A 11 -9.89 -30.58 -1.01
C SER A 11 -8.37 -30.45 -0.73
N HIS A 12 -7.90 -29.28 -0.28
CA HIS A 12 -6.47 -29.03 -0.03
C HIS A 12 -6.14 -28.38 1.31
N LYS A 13 -4.86 -28.51 1.70
CA LYS A 13 -4.27 -27.92 2.90
C LYS A 13 -2.88 -27.38 2.56
N ALA A 14 -2.67 -26.09 2.86
CA ALA A 14 -1.39 -25.42 2.69
C ALA A 14 -0.70 -25.37 4.06
N ALA A 15 0.63 -25.50 4.09
CA ALA A 15 1.37 -25.46 5.35
C ALA A 15 2.75 -24.85 5.20
N TYR A 16 3.30 -24.31 6.29
CA TYR A 16 4.64 -23.75 6.17
C TYR A 16 5.68 -24.86 6.17
N ASP A 17 6.51 -24.88 5.11
CA ASP A 17 7.58 -25.84 4.82
C ASP A 17 8.79 -25.62 5.78
N LEU A 18 8.51 -25.46 7.09
CA LEU A 18 9.50 -25.18 8.12
C LEU A 18 9.26 -25.92 9.44
N ARG A 19 10.20 -25.69 10.39
CA ARG A 19 10.15 -26.11 11.78
C ARG A 19 9.18 -25.09 12.43
N SER A 20 7.88 -25.49 12.55
CA SER A 20 6.75 -24.68 13.03
C SER A 20 6.94 -23.96 14.39
N ASP A 21 7.71 -24.58 15.32
CA ASP A 21 8.00 -24.05 16.66
C ASP A 21 8.70 -22.66 16.64
N GLY A 22 9.54 -22.44 15.63
CA GLY A 22 10.22 -21.16 15.43
C GLY A 22 9.38 -20.12 14.70
N ILE A 23 8.07 -20.41 14.48
CA ILE A 23 7.17 -19.49 13.80
C ILE A 23 6.03 -19.08 14.71
N THR A 24 5.97 -17.76 15.00
CA THR A 24 4.94 -17.10 15.77
C THR A 24 4.39 -16.07 14.81
N THR A 25 3.25 -16.38 14.17
CA THR A 25 2.64 -15.54 13.14
C THR A 25 1.68 -14.52 13.67
N ASP A 26 1.10 -14.76 14.85
CA ASP A 26 0.08 -13.92 15.47
C ASP A 26 0.44 -12.44 15.50
N GLY A 27 -0.42 -11.63 14.89
CA GLY A 27 -0.30 -10.18 14.81
C GLY A 27 0.88 -9.61 14.01
N ARG A 28 1.61 -10.43 13.24
CA ARG A 28 2.76 -9.97 12.45
C ARG A 28 2.33 -9.43 11.08
N SER A 29 3.21 -8.62 10.43
CA SER A 29 3.02 -8.07 9.08
C SER A 29 3.57 -9.06 8.05
N THR A 30 2.78 -9.42 7.02
CA THR A 30 3.29 -10.36 6.02
C THR A 30 2.86 -10.02 4.55
N VAL A 31 3.80 -10.29 3.62
CA VAL A 31 3.59 -10.13 2.19
C VAL A 31 3.32 -11.51 1.64
N LEU A 32 2.37 -11.60 0.72
CA LEU A 32 2.01 -12.79 -0.03
C LEU A 32 2.53 -12.48 -1.42
N LEU A 33 3.71 -13.04 -1.76
CA LEU A 33 4.34 -12.81 -3.06
C LEU A 33 3.64 -13.62 -4.13
N VAL A 34 3.24 -12.91 -5.19
CA VAL A 34 2.49 -13.49 -6.30
C VAL A 34 3.22 -13.21 -7.61
N SER A 35 3.92 -14.24 -8.14
CA SER A 35 4.59 -14.16 -9.44
C SER A 35 3.46 -14.55 -10.40
N VAL A 36 2.77 -13.55 -11.05
CA VAL A 36 1.61 -13.83 -11.92
C VAL A 36 1.95 -14.83 -13.02
N GLY A 37 1.06 -15.79 -13.20
CA GLY A 37 1.25 -16.82 -14.21
C GLY A 37 1.60 -18.17 -13.63
N ALA A 38 1.86 -18.22 -12.32
CA ALA A 38 2.19 -19.47 -11.64
C ALA A 38 0.91 -20.13 -11.19
N ASP A 39 0.86 -21.46 -11.31
CA ASP A 39 -0.29 -22.26 -10.92
C ASP A 39 -0.51 -22.15 -9.41
N TYR A 40 0.59 -21.98 -8.66
CA TYR A 40 0.63 -21.88 -7.21
C TYR A 40 -0.27 -20.81 -6.64
N HIS A 41 -0.33 -19.66 -7.33
CA HIS A 41 -1.11 -18.48 -6.95
C HIS A 41 -2.44 -18.50 -7.71
N GLU A 42 -3.02 -19.71 -7.89
CA GLU A 42 -4.26 -19.88 -8.63
C GLU A 42 -5.15 -20.99 -8.11
N GLY A 43 -6.46 -20.75 -8.23
CA GLY A 43 -7.52 -21.70 -7.86
C GLY A 43 -7.47 -22.35 -6.50
N GLU A 44 -7.56 -23.69 -6.49
CA GLU A 44 -7.60 -24.50 -5.26
C GLU A 44 -6.28 -24.47 -4.49
N LYS A 45 -5.14 -24.24 -5.19
CA LYS A 45 -3.84 -24.13 -4.52
C LYS A 45 -3.80 -22.79 -3.77
N LEU A 46 -4.28 -21.70 -4.42
CA LEU A 46 -4.37 -20.37 -3.82
C LEU A 46 -5.44 -20.32 -2.70
N ALA A 47 -6.58 -21.04 -2.86
CA ALA A 47 -7.66 -21.11 -1.86
C ALA A 47 -7.16 -21.67 -0.52
N ALA A 48 -6.30 -22.69 -0.55
CA ALA A 48 -5.70 -23.32 0.64
C ALA A 48 -4.69 -22.41 1.29
N THR A 49 -3.99 -21.58 0.48
CA THR A 49 -2.99 -20.62 0.92
C THR A 49 -3.69 -19.61 1.82
N ILE A 50 -4.89 -19.15 1.40
CA ILE A 50 -5.68 -18.19 2.19
C ILE A 50 -6.22 -18.87 3.47
N ASP A 51 -6.57 -20.16 3.40
CA ASP A 51 -7.01 -20.91 4.59
C ASP A 51 -5.90 -20.84 5.69
N LEU A 52 -4.65 -21.01 5.26
CA LEU A 52 -3.46 -20.96 6.10
C LEU A 52 -3.22 -19.55 6.66
N ILE A 53 -3.41 -18.50 5.82
CA ILE A 53 -3.25 -17.09 6.19
C ILE A 53 -4.19 -16.72 7.37
N ASN A 54 -5.49 -17.10 7.24
CA ASN A 54 -6.54 -16.83 8.22
C ASN A 54 -6.32 -17.59 9.50
N ARG A 55 -5.75 -18.79 9.35
CA ARG A 55 -5.36 -19.67 10.45
C ARG A 55 -4.16 -19.03 11.20
N SER A 56 -3.30 -18.25 10.47
CA SER A 56 -2.08 -17.64 11.00
C SER A 56 -2.28 -16.43 11.90
N ASN A 57 -3.47 -15.81 11.85
CA ASN A 57 -3.86 -14.62 12.64
C ASN A 57 -2.85 -13.47 12.51
N PHE A 58 -2.52 -13.09 11.26
CA PHE A 58 -1.58 -11.99 11.03
C PHE A 58 -2.21 -10.65 11.40
N GLY A 59 -1.39 -9.62 11.47
CA GLY A 59 -1.88 -8.30 11.82
C GLY A 59 -2.35 -7.51 10.61
N ARG A 60 -1.66 -7.74 9.47
CA ARG A 60 -1.88 -7.12 8.17
C ARG A 60 -1.20 -7.94 7.05
N VAL A 61 -1.84 -8.04 5.87
CA VAL A 61 -1.31 -8.80 4.73
C VAL A 61 -1.21 -7.94 3.46
N SER A 62 0.02 -7.86 2.85
CA SER A 62 0.22 -7.15 1.57
C SER A 62 0.16 -8.14 0.42
N ILE A 63 -0.79 -8.01 -0.52
CA ILE A 63 -0.85 -8.93 -1.65
C ILE A 63 -0.01 -8.33 -2.77
N ALA A 64 1.28 -8.72 -2.83
CA ALA A 64 2.23 -8.26 -3.83
C ALA A 64 1.99 -8.91 -5.20
N VAL A 65 1.32 -8.19 -6.08
CA VAL A 65 1.04 -8.66 -7.41
C VAL A 65 2.25 -8.29 -8.28
N ALA A 66 3.27 -9.19 -8.28
CA ALA A 66 4.49 -9.04 -9.10
C ALA A 66 4.09 -9.33 -10.57
N ASP A 67 3.48 -8.31 -11.24
CA ASP A 67 2.97 -8.45 -12.61
C ASP A 67 3.96 -8.05 -13.70
N THR A 68 4.31 -6.75 -13.75
CA THR A 68 5.17 -6.14 -14.75
C THR A 68 6.58 -6.71 -14.74
N LEU A 69 7.04 -7.21 -13.57
CA LEU A 69 8.32 -7.91 -13.37
C LEU A 69 8.39 -9.09 -14.38
N GLN A 70 7.23 -9.73 -14.64
CA GLN A 70 7.13 -10.85 -15.58
C GLN A 70 7.37 -10.45 -17.05
N ARG A 71 7.49 -9.14 -17.34
CA ARG A 71 7.75 -8.67 -18.72
C ARG A 71 9.06 -9.21 -19.30
N HIS A 72 10.04 -9.47 -18.42
CA HIS A 72 11.36 -9.99 -18.77
C HIS A 72 11.28 -11.41 -19.32
N ASN A 73 10.20 -12.14 -18.96
CA ASN A 73 9.93 -13.51 -19.40
C ASN A 73 9.18 -13.56 -20.73
N LEU A 74 8.37 -12.51 -21.01
CA LEU A 74 7.60 -12.42 -22.25
C LEU A 74 8.50 -12.14 -23.44
N SER A 75 8.07 -12.63 -24.60
CA SER A 75 8.80 -12.50 -25.85
C SER A 75 7.95 -11.78 -26.89
N GLY A 76 8.62 -10.95 -27.69
CA GLY A 76 8.02 -10.24 -28.80
C GLY A 76 7.55 -8.83 -28.56
N GLY A 77 7.82 -7.99 -29.55
CA GLY A 77 7.44 -6.58 -29.58
C GLY A 77 8.46 -5.68 -28.91
N THR A 78 8.00 -4.48 -28.52
CA THR A 78 8.83 -3.53 -27.81
C THR A 78 8.68 -3.87 -26.33
N ASP A 79 9.54 -3.30 -25.48
CA ASP A 79 9.45 -3.50 -24.03
C ASP A 79 8.13 -2.91 -23.49
N ILE A 80 7.52 -1.95 -24.23
CA ILE A 80 6.25 -1.28 -23.90
C ILE A 80 5.09 -2.28 -24.00
N ASP A 81 5.04 -3.06 -25.12
CA ASP A 81 4.03 -4.09 -25.40
C ASP A 81 4.18 -5.26 -24.44
N ARG A 82 5.45 -5.61 -24.10
CA ARG A 82 5.80 -6.67 -23.15
C ARG A 82 5.30 -6.25 -21.74
N HIS A 83 5.59 -4.99 -21.33
CA HIS A 83 5.20 -4.39 -20.04
C HIS A 83 3.69 -4.29 -19.89
N ALA A 84 3.01 -3.65 -20.85
CA ALA A 84 1.56 -3.46 -20.83
C ALA A 84 0.79 -4.78 -20.89
N ARG A 85 1.34 -5.81 -21.58
CA ARG A 85 0.76 -7.17 -21.66
C ARG A 85 0.84 -7.85 -20.27
N ALA A 86 2.01 -7.67 -19.58
CA ALA A 86 2.32 -8.20 -18.25
C ALA A 86 1.51 -7.50 -17.18
N ARG A 87 1.07 -6.25 -17.47
CA ARG A 87 0.22 -5.42 -16.61
C ARG A 87 -1.15 -6.04 -16.64
N ILE A 88 -1.71 -6.25 -17.86
CA ILE A 88 -3.02 -6.86 -18.15
C ILE A 88 -3.15 -8.19 -17.40
N ALA A 89 -2.07 -8.98 -17.39
CA ALA A 89 -1.97 -10.26 -16.70
C ALA A 89 -2.44 -10.09 -15.25
N GLY A 90 -1.81 -9.14 -14.54
CA GLY A 90 -2.12 -8.77 -13.17
C GLY A 90 -3.53 -8.25 -13.07
N ASP A 91 -3.93 -7.36 -14.03
CA ASP A 91 -5.28 -6.76 -14.12
C ASP A 91 -6.31 -7.89 -14.01
N GLU A 92 -6.07 -8.99 -14.81
CA GLU A 92 -6.88 -10.22 -14.93
C GLU A 92 -6.78 -11.09 -13.67
N TRP A 93 -5.55 -11.28 -13.15
CA TRP A 93 -5.30 -12.07 -11.94
C TRP A 93 -6.08 -11.53 -10.74
N ILE A 94 -6.15 -10.19 -10.59
CA ILE A 94 -6.87 -9.55 -9.49
C ILE A 94 -8.38 -9.80 -9.65
N ALA A 95 -8.88 -9.67 -10.89
CA ALA A 95 -10.29 -9.89 -11.21
C ALA A 95 -10.74 -11.35 -10.93
N ARG A 96 -9.89 -12.32 -11.34
CA ARG A 96 -10.05 -13.76 -11.21
C ARG A 96 -10.10 -14.21 -9.74
N ASN A 97 -9.16 -13.71 -8.92
CA ASN A 97 -9.04 -14.16 -7.55
C ASN A 97 -9.45 -13.16 -6.47
N SER A 98 -10.05 -12.00 -6.84
CA SER A 98 -10.47 -10.95 -5.89
C SER A 98 -11.35 -11.44 -4.75
N THR A 99 -12.39 -12.22 -5.07
CA THR A 99 -13.39 -12.74 -4.11
C THR A 99 -12.77 -13.63 -3.04
N LEU A 100 -11.70 -14.35 -3.44
CA LEU A 100 -10.95 -15.25 -2.60
C LEU A 100 -10.06 -14.45 -1.63
N LEU A 101 -9.43 -13.35 -2.13
CA LEU A 101 -8.57 -12.42 -1.40
C LEU A 101 -9.37 -11.60 -0.40
N ASP A 102 -10.66 -11.33 -0.71
CA ASP A 102 -11.56 -10.57 0.15
C ASP A 102 -11.83 -11.40 1.40
N ARG A 103 -11.62 -12.73 1.29
CA ARG A 103 -11.87 -13.64 2.39
C ARG A 103 -10.68 -13.73 3.38
N ILE A 104 -9.70 -12.79 3.28
CA ILE A 104 -8.59 -12.67 4.24
C ILE A 104 -9.17 -11.80 5.37
N ASP A 105 -9.23 -12.38 6.57
CA ASP A 105 -9.89 -11.75 7.71
C ASP A 105 -9.26 -10.45 8.16
N CYS A 106 -7.93 -10.46 8.36
CA CYS A 106 -7.16 -9.31 8.79
C CYS A 106 -7.07 -8.24 7.65
N PRO A 107 -6.73 -6.96 7.98
CA PRO A 107 -6.54 -5.96 6.93
C PRO A 107 -5.55 -6.36 5.83
N THR A 108 -5.96 -6.06 4.60
CA THR A 108 -5.19 -6.33 3.40
C THR A 108 -4.97 -5.07 2.56
N ASN A 109 -4.02 -5.17 1.61
CA ASN A 109 -3.70 -4.15 0.64
C ASN A 109 -3.14 -4.84 -0.57
N VAL A 110 -3.49 -4.34 -1.77
CA VAL A 110 -2.93 -4.90 -3.00
C VAL A 110 -1.87 -3.97 -3.55
N LEU A 111 -0.66 -4.49 -3.58
CA LEU A 111 0.49 -3.77 -4.06
C LEU A 111 0.78 -4.23 -5.49
N ARG A 112 0.68 -3.32 -6.45
CA ARG A 112 0.98 -3.64 -7.84
C ARG A 112 2.44 -3.37 -8.07
N TRP A 113 3.09 -4.22 -8.86
CA TRP A 113 4.53 -4.13 -9.09
C TRP A 113 5.03 -2.76 -9.50
N ASP A 114 4.27 -2.01 -10.32
CA ASP A 114 4.70 -0.66 -10.73
C ASP A 114 4.73 0.33 -9.58
N PHE A 115 3.84 0.15 -8.59
CA PHE A 115 3.83 1.00 -7.40
C PHE A 115 5.03 0.73 -6.50
N ALA A 116 5.51 -0.53 -6.48
CA ALA A 116 6.72 -0.89 -5.74
C ALA A 116 7.93 -0.22 -6.39
N LEU A 117 8.10 -0.40 -7.72
CA LEU A 117 9.17 0.17 -8.53
C LEU A 117 9.27 1.68 -8.39
N SER A 118 8.14 2.35 -8.12
CA SER A 118 8.12 3.81 -7.99
C SER A 118 8.32 4.34 -6.55
N HIS A 119 8.67 3.44 -5.60
CA HIS A 119 8.96 3.87 -4.22
C HIS A 119 10.23 4.76 -4.27
N PRO A 120 10.31 5.83 -3.45
CA PRO A 120 11.50 6.71 -3.48
C PRO A 120 12.83 6.03 -3.16
N ARG A 121 12.80 5.00 -2.33
CA ARG A 121 14.00 4.27 -1.93
C ARG A 121 14.48 3.31 -3.02
N TYR A 122 13.55 2.87 -3.92
CA TYR A 122 13.91 1.91 -4.97
C TYR A 122 15.17 2.32 -5.73
N GLY A 123 15.36 3.62 -5.94
CA GLY A 123 16.52 4.11 -6.67
C GLY A 123 17.83 3.57 -6.11
N ASP A 124 18.14 4.04 -4.90
CA ASP A 124 19.34 3.73 -4.14
C ASP A 124 19.47 2.24 -3.85
N LEU A 125 18.36 1.57 -3.55
CA LEU A 125 18.35 0.14 -3.25
C LEU A 125 18.78 -0.74 -4.44
N TYR A 126 18.43 -0.35 -5.67
CA TYR A 126 18.81 -1.07 -6.89
C TYR A 126 20.33 -0.97 -7.05
N ASP A 127 20.84 0.28 -6.95
CA ASP A 127 22.25 0.62 -7.06
C ASP A 127 23.04 -0.14 -5.98
N ALA A 128 22.55 -0.17 -4.72
CA ALA A 128 23.15 -0.92 -3.61
C ALA A 128 23.35 -2.38 -3.96
N VAL A 129 22.30 -3.01 -4.50
CA VAL A 129 22.22 -4.39 -4.95
C VAL A 129 23.19 -4.64 -6.11
N GLU A 130 23.17 -3.75 -7.13
CA GLU A 130 24.02 -3.83 -8.34
C GLU A 130 25.49 -3.76 -7.92
N HIS A 131 25.82 -2.84 -6.99
CA HIS A 131 27.15 -2.64 -6.46
C HIS A 131 27.60 -3.88 -5.71
N ALA A 132 26.68 -4.49 -4.94
CA ALA A 132 26.90 -5.72 -4.19
C ALA A 132 27.18 -6.85 -5.19
N TYR A 133 26.44 -6.92 -6.32
CA TYR A 133 26.73 -7.91 -7.36
C TYR A 133 28.18 -7.73 -7.86
N GLU A 134 28.67 -6.49 -7.96
CA GLU A 134 30.04 -6.25 -8.38
C GLU A 134 31.09 -6.63 -7.30
N THR A 135 30.97 -6.05 -6.07
CA THR A 135 31.89 -6.22 -4.94
C THR A 135 31.88 -7.61 -4.24
N ASP A 136 30.69 -8.09 -3.77
CA ASP A 136 30.46 -9.36 -3.04
C ASP A 136 30.50 -10.61 -3.93
N GLU A 137 31.59 -11.40 -3.79
CA GLU A 137 31.79 -12.66 -4.50
C GLU A 137 30.66 -13.65 -4.23
N PRO A 138 30.22 -13.87 -2.95
CA PRO A 138 29.09 -14.79 -2.72
C PRO A 138 27.85 -14.42 -3.51
N TYR A 139 27.47 -13.13 -3.55
CA TYR A 139 26.30 -12.64 -4.27
C TYR A 139 26.45 -12.84 -5.77
N ARG A 140 27.67 -12.53 -6.28
CA ARG A 140 28.05 -12.64 -7.69
C ARG A 140 27.88 -14.08 -8.12
N HIS A 141 28.41 -15.03 -7.34
CA HIS A 141 28.27 -16.45 -7.62
C HIS A 141 26.82 -16.90 -7.48
N ALA A 142 26.11 -16.38 -6.48
CA ALA A 142 24.71 -16.71 -6.20
C ALA A 142 23.77 -16.25 -7.32
N ILE A 143 24.04 -15.07 -7.93
CA ILE A 143 23.24 -14.50 -9.01
C ILE A 143 23.57 -15.19 -10.34
N ASP A 144 24.88 -15.28 -10.69
CA ASP A 144 25.35 -15.90 -11.94
C ASP A 144 24.89 -17.34 -12.08
N SER A 145 24.80 -18.07 -10.96
CA SER A 145 24.35 -19.46 -10.93
C SER A 145 22.85 -19.58 -11.15
N THR A 146 22.02 -18.76 -10.42
CA THR A 146 20.54 -18.75 -10.55
C THR A 146 20.11 -18.40 -12.00
N ILE A 147 20.90 -17.55 -12.72
CA ILE A 147 20.66 -17.20 -14.12
C ILE A 147 20.94 -18.44 -14.98
N ASP A 148 22.08 -19.17 -14.73
CA ASP A 148 22.48 -20.41 -15.43
C ASP A 148 21.46 -21.57 -15.28
N ARG A 149 20.72 -21.61 -14.14
CA ARG A 149 19.64 -22.59 -13.86
C ARG A 149 18.43 -22.27 -14.80
N PHE A 150 18.01 -20.98 -14.84
CA PHE A 150 16.92 -20.44 -15.68
C PHE A 150 17.21 -20.58 -17.19
N ILE A 151 18.51 -20.45 -17.62
CA ILE A 151 18.92 -20.58 -19.04
C ILE A 151 18.82 -22.06 -19.47
N GLU A 152 19.30 -23.00 -18.62
CA GLU A 152 19.23 -24.44 -18.91
C GLU A 152 17.79 -24.99 -18.88
N ARG A 153 16.88 -24.29 -18.12
CA ARG A 153 15.45 -24.58 -17.96
C ARG A 153 14.67 -24.28 -19.27
N ARG A 154 15.02 -23.15 -19.94
CA ARG A 154 14.43 -22.68 -21.20
C ARG A 154 15.05 -23.38 -22.43
N LEU A 155 16.33 -23.85 -22.33
CA LEU A 155 17.05 -24.56 -23.41
C LEU A 155 16.66 -26.04 -23.55
N SER A 156 16.08 -26.65 -22.47
CA SER A 156 15.59 -28.04 -22.46
C SER A 156 14.40 -28.15 -23.43
N ARG A 157 13.50 -27.14 -23.37
CA ARG A 157 12.31 -26.99 -24.21
C ARG A 157 12.73 -26.45 -25.59
N GLU A 158 13.24 -25.20 -25.61
CA GLU A 158 13.65 -24.44 -26.81
C GLU A 158 15.20 -24.28 -26.94
N PRO A 159 15.91 -25.20 -27.64
CA PRO A 159 17.37 -25.03 -27.79
C PRO A 159 17.77 -23.95 -28.81
N ASP A 160 16.84 -23.54 -29.70
CA ASP A 160 17.04 -22.53 -30.74
C ASP A 160 17.09 -21.07 -30.23
N VAL A 161 16.72 -20.86 -28.95
CA VAL A 161 16.65 -19.54 -28.27
C VAL A 161 18.03 -18.82 -28.17
N ASP A 162 18.00 -17.46 -28.31
CA ASP A 162 19.18 -16.57 -28.22
C ASP A 162 19.69 -16.58 -26.79
N GLN A 163 20.97 -16.98 -26.59
CA GLN A 163 21.62 -17.09 -25.29
C GLN A 163 21.63 -15.79 -24.48
N GLU A 164 22.16 -14.69 -25.07
CA GLU A 164 22.25 -13.40 -24.39
C GLU A 164 20.90 -12.72 -24.16
N SER A 165 19.87 -13.09 -24.95
CA SER A 165 18.49 -12.60 -24.79
C SER A 165 17.94 -13.16 -23.48
N VAL A 166 18.27 -14.42 -23.16
CA VAL A 166 17.86 -15.10 -21.94
C VAL A 166 18.69 -14.62 -20.74
N ARG A 167 20.03 -14.49 -20.93
CA ARG A 167 20.94 -14.02 -19.88
C ARG A 167 20.62 -12.60 -19.44
N LYS A 168 20.50 -11.65 -20.41
CA LYS A 168 20.18 -10.24 -20.14
C LYS A 168 18.87 -10.10 -19.38
N ALA A 169 17.84 -10.87 -19.81
CA ALA A 169 16.48 -10.91 -19.24
C ALA A 169 16.46 -11.43 -17.81
N CYS A 170 17.16 -12.54 -17.55
CA CYS A 170 17.21 -13.10 -16.19
C CYS A 170 17.99 -12.24 -15.23
N ARG A 171 19.06 -11.56 -15.72
CA ARG A 171 19.86 -10.62 -14.93
C ARG A 171 18.93 -9.47 -14.55
N ALA A 172 18.22 -8.91 -15.55
CA ALA A 172 17.27 -7.81 -15.40
C ALA A 172 16.21 -8.13 -14.39
N TYR A 173 15.58 -9.32 -14.53
CA TYR A 173 14.52 -9.83 -13.64
C TYR A 173 15.05 -9.81 -12.21
N LEU A 174 16.04 -10.66 -11.90
CA LEU A 174 16.64 -10.79 -10.57
C LEU A 174 17.07 -9.48 -9.93
N LEU A 175 17.78 -8.64 -10.68
CA LEU A 175 18.28 -7.37 -10.18
C LEU A 175 17.21 -6.35 -9.82
N GLU A 176 16.00 -6.53 -10.36
CA GLU A 176 14.83 -5.68 -10.14
C GLU A 176 13.97 -6.20 -8.98
N GLU A 177 13.82 -7.54 -8.88
CA GLU A 177 13.08 -8.32 -7.89
C GLU A 177 13.66 -8.04 -6.48
N CYS A 178 14.97 -8.32 -6.33
CA CYS A 178 15.81 -8.26 -5.12
C CYS A 178 15.69 -6.98 -4.30
N PRO A 179 15.84 -5.75 -4.86
CA PRO A 179 15.78 -4.54 -4.02
C PRO A 179 14.44 -4.36 -3.33
N ILE A 180 13.36 -4.91 -3.92
CA ILE A 180 12.01 -4.76 -3.37
C ILE A 180 11.77 -5.81 -2.32
N ILE A 181 11.78 -7.09 -2.73
CA ILE A 181 11.42 -8.20 -1.85
C ILE A 181 12.26 -8.21 -0.57
N PRO A 183 15.37 -5.74 0.86
CA PRO A 183 15.55 -4.48 1.61
C PRO A 183 14.36 -3.52 1.72
N LEU A 184 13.53 -3.40 0.67
CA LEU A 184 12.41 -2.45 0.68
C LEU A 184 11.34 -2.89 1.63
N TRP A 185 10.81 -4.11 1.44
CA TRP A 185 9.77 -4.65 2.31
C TRP A 185 10.26 -4.83 3.74
N ALA A 186 11.59 -4.94 3.93
CA ALA A 186 12.20 -5.01 5.25
C ALA A 186 12.00 -3.64 5.91
N HIS A 187 12.28 -2.56 5.15
CA HIS A 187 12.13 -1.19 5.61
C HIS A 187 10.65 -0.84 5.83
N GLU A 188 9.75 -1.37 4.94
CA GLU A 188 8.31 -1.13 4.95
C GLU A 188 7.59 -1.84 6.12
N GLY A 189 8.38 -2.46 6.99
CA GLY A 189 7.95 -3.12 8.20
C GLY A 189 7.28 -4.47 8.05
N PHE A 190 7.86 -5.38 7.27
CA PHE A 190 7.30 -6.72 7.07
C PHE A 190 8.12 -7.77 7.78
N ASP A 191 7.44 -8.76 8.36
CA ASP A 191 8.01 -9.81 9.18
C ASP A 191 8.22 -11.11 8.46
N PHE A 192 7.46 -11.30 7.37
CA PHE A 192 7.49 -12.50 6.57
C PHE A 192 7.10 -12.26 5.10
N VAL A 193 7.54 -13.17 4.23
CA VAL A 193 7.20 -13.24 2.81
C VAL A 193 6.76 -14.68 2.53
N ILE A 194 5.49 -14.85 2.14
CA ILE A 194 4.88 -16.14 1.84
C ILE A 194 4.99 -16.39 0.33
N TYR A 195 5.84 -17.34 -0.02
CA TYR A 195 6.03 -17.76 -1.40
C TYR A 195 6.03 -19.32 -1.46
N PRO A 196 5.44 -19.98 -2.50
CA PRO A 196 5.37 -21.45 -2.49
C PRO A 196 6.69 -22.19 -2.73
N GLN A 197 7.71 -21.48 -3.22
CA GLN A 197 9.04 -22.05 -3.44
C GLN A 197 9.99 -21.59 -2.34
N ARG A 198 10.93 -22.45 -1.94
CA ARG A 198 11.90 -22.07 -0.91
C ARG A 198 12.88 -21.04 -1.50
N ILE A 199 13.18 -19.99 -0.70
CA ILE A 199 14.07 -18.87 -1.04
C ILE A 199 15.24 -19.24 -1.98
N SER A 200 15.39 -18.51 -3.10
CA SER A 200 16.47 -18.73 -4.08
C SER A 200 17.85 -18.40 -3.51
N ALA A 201 18.91 -18.81 -4.19
CA ALA A 201 20.28 -18.51 -3.75
C ALA A 201 20.54 -17.00 -3.74
N ALA A 202 20.09 -16.33 -4.82
CA ALA A 202 20.25 -14.89 -4.99
C ALA A 202 19.46 -14.13 -3.96
N GLY A 204 18.48 -15.25 -0.97
CA GLY A 204 19.14 -15.57 0.29
C GLY A 204 20.25 -14.59 0.60
N ARG A 205 21.20 -14.45 -0.35
CA ARG A 205 22.31 -13.53 -0.17
C ARG A 205 21.86 -12.07 -0.06
N THR A 206 20.72 -11.69 -0.71
CA THR A 206 20.21 -10.32 -0.63
C THR A 206 19.79 -10.10 0.81
N ARG A 207 19.06 -11.09 1.37
CA ARG A 207 18.61 -11.05 2.77
C ARG A 207 19.84 -10.94 3.67
N GLU A 208 20.85 -11.79 3.43
CA GLU A 208 22.11 -11.83 4.19
C GLU A 208 22.85 -10.51 4.24
N LEU A 209 22.86 -9.70 3.14
CA LEU A 209 23.60 -8.43 3.10
C LEU A 209 22.79 -7.23 3.43
N PHE A 210 21.49 -7.27 3.11
CA PHE A 210 20.63 -6.10 3.25
C PHE A 210 19.59 -6.17 4.38
N VAL A 211 19.21 -7.37 4.81
CA VAL A 211 18.20 -7.51 5.85
C VAL A 211 18.84 -7.94 7.17
N VAL A 212 19.45 -9.12 7.19
CA VAL A 212 20.10 -9.76 8.32
C VAL A 212 20.96 -8.79 9.14
N PRO A 213 21.85 -7.93 8.56
CA PRO A 213 22.70 -7.08 9.42
C PRO A 213 21.98 -6.36 10.54
N GLU A 214 20.98 -5.53 10.19
CA GLU A 214 20.19 -4.71 11.12
C GLU A 214 18.80 -5.23 11.46
N HIS A 215 18.18 -6.03 10.59
CA HIS A 215 16.83 -6.52 10.84
C HIS A 215 16.78 -7.99 10.47
N PRO A 216 17.39 -8.88 11.31
CA PRO A 216 17.37 -10.32 10.96
C PRO A 216 16.03 -10.96 11.25
N ASP A 217 15.14 -10.19 11.88
CA ASP A 217 13.79 -10.56 12.31
C ASP A 217 12.75 -10.20 11.26
N ARG A 218 13.17 -9.53 10.20
CA ARG A 218 12.22 -8.99 9.22
C ARG A 218 12.25 -9.68 7.89
N VAL A 219 11.07 -9.80 7.27
CA VAL A 219 10.90 -10.38 5.93
C VAL A 219 11.53 -11.78 5.90
N ALA A 220 11.09 -12.63 6.83
CA ALA A 220 11.58 -13.99 6.92
C ALA A 220 10.80 -14.82 5.95
N TRP A 221 11.50 -15.58 5.13
CA TRP A 221 10.89 -16.38 4.09
C TRP A 221 10.10 -17.57 4.65
N LEU A 222 8.83 -17.72 4.20
CA LEU A 222 7.93 -18.81 4.59
C LEU A 222 7.50 -19.57 3.36
N PRO A 223 8.17 -20.69 3.03
CA PRO A 223 7.76 -21.46 1.84
C PRO A 223 6.50 -22.30 2.12
N LEU A 224 5.86 -22.78 1.05
CA LEU A 224 4.64 -23.56 1.20
C LEU A 224 4.73 -24.98 0.67
N ARG A 225 4.03 -25.87 1.40
CA ARG A 225 3.89 -27.31 1.19
C ARG A 225 2.39 -27.59 1.11
N PHE A 226 1.94 -28.09 -0.06
CA PHE A 226 0.54 -28.44 -0.33
C PHE A 226 0.36 -29.94 -0.25
N LYS A 227 -0.84 -30.39 0.20
CA LYS A 227 -1.27 -31.80 0.31
C LYS A 227 -2.78 -31.86 0.12
N LYS A 228 -3.29 -32.89 -0.57
CA LYS A 228 -4.74 -33.04 -0.76
C LYS A 228 -5.38 -33.64 0.52
N ARG A 229 -6.69 -33.42 0.72
CA ARG A 229 -7.41 -33.87 1.92
C ARG A 229 -8.41 -35.04 1.67
N LYS A 230 -9.26 -35.32 2.68
CA LYS A 230 -10.35 -36.31 2.72
C LYS A 230 -11.12 -36.20 4.04
N THR B 5 -5.95 17.24 -24.39
CA THR B 5 -6.04 15.83 -24.00
C THR B 5 -7.49 15.27 -24.23
N THR B 6 -8.07 14.61 -23.18
CA THR B 6 -9.42 14.03 -23.06
C THR B 6 -9.79 14.09 -21.57
N LEU B 7 -10.40 15.23 -21.15
CA LEU B 7 -10.82 15.52 -19.78
C LEU B 7 -11.83 14.54 -19.21
N LEU B 8 -11.70 14.20 -17.91
CA LEU B 8 -12.57 13.27 -17.19
C LEU B 8 -13.89 13.91 -16.72
N SER B 9 -13.85 15.24 -16.53
CA SER B 9 -14.96 16.09 -16.14
C SER B 9 -14.79 17.34 -16.95
N ALA B 10 -15.68 17.55 -17.96
CA ALA B 10 -15.62 18.73 -18.81
C ALA B 10 -16.31 19.92 -18.14
N SER B 11 -17.25 19.64 -17.24
CA SER B 11 -17.98 20.67 -16.49
C SER B 11 -17.15 21.39 -15.44
N HIS B 12 -16.23 20.68 -14.72
CA HIS B 12 -15.39 21.24 -13.65
C HIS B 12 -13.87 21.11 -13.82
N LYS B 13 -13.13 22.13 -13.32
CA LYS B 13 -11.66 22.18 -13.29
C LYS B 13 -11.22 22.33 -11.82
N ALA B 14 -10.27 21.47 -11.40
CA ALA B 14 -9.74 21.48 -10.03
C ALA B 14 -8.38 22.15 -10.01
N ALA B 15 -8.02 22.81 -8.90
CA ALA B 15 -6.72 23.51 -8.82
C ALA B 15 -6.15 23.49 -7.42
N TYR B 16 -4.83 23.62 -7.31
CA TYR B 16 -4.26 23.71 -5.98
C TYR B 16 -4.45 25.15 -5.52
N ASP B 17 -5.11 25.32 -4.36
CA ASP B 17 -5.42 26.62 -3.75
C ASP B 17 -4.17 27.17 -3.05
N LEU B 18 -3.12 27.40 -3.83
CA LEU B 18 -1.81 27.82 -3.36
C LEU B 18 -1.17 28.82 -4.27
N ARG B 19 0.08 29.23 -3.91
CA ARG B 19 0.95 30.04 -4.75
C ARG B 19 1.75 28.98 -5.53
N SER B 20 1.12 28.51 -6.66
CA SER B 20 1.53 27.44 -7.58
C SER B 20 2.99 27.47 -8.08
N ASP B 21 3.64 28.66 -8.03
CA ASP B 21 5.04 28.86 -8.42
C ASP B 21 6.01 28.02 -7.56
N GLY B 22 5.79 28.00 -6.23
CA GLY B 22 6.59 27.24 -5.29
C GLY B 22 6.41 25.72 -5.31
N ILE B 23 5.44 25.23 -6.09
CA ILE B 23 5.17 23.79 -6.16
C ILE B 23 5.81 23.12 -7.39
N THR B 24 6.61 22.09 -7.14
CA THR B 24 7.19 21.24 -8.17
C THR B 24 6.63 19.88 -7.82
N THR B 25 5.61 19.47 -8.56
CA THR B 25 4.88 18.22 -8.36
C THR B 25 5.47 17.06 -9.14
N ASP B 26 6.08 17.36 -10.29
CA ASP B 26 6.63 16.40 -11.23
C ASP B 26 7.53 15.38 -10.52
N GLY B 27 7.13 14.10 -10.61
CA GLY B 27 7.82 12.97 -10.01
C GLY B 27 7.67 12.73 -8.50
N ARG B 28 6.91 13.57 -7.81
CA ARG B 28 6.72 13.42 -6.38
C ARG B 28 5.74 12.31 -6.00
N SER B 29 5.82 11.80 -4.75
CA SER B 29 4.88 10.81 -4.21
C SER B 29 3.76 11.55 -3.45
N THR B 30 2.49 11.34 -3.81
CA THR B 30 1.43 11.99 -3.03
C THR B 30 0.31 11.11 -2.57
N VAL B 31 -0.31 11.53 -1.48
CA VAL B 31 -1.51 10.90 -0.98
C VAL B 31 -2.69 11.73 -1.49
N LEU B 32 -3.78 11.04 -1.83
CA LEU B 32 -5.05 11.64 -2.18
C LEU B 32 -5.93 11.15 -1.05
N LEU B 33 -6.06 11.99 0.00
CA LEU B 33 -6.84 11.72 1.20
C LEU B 33 -8.32 11.84 0.88
N VAL B 34 -9.06 10.74 1.14
CA VAL B 34 -10.48 10.61 0.86
C VAL B 34 -11.24 10.35 2.15
N SER B 35 -11.97 11.38 2.63
CA SER B 35 -12.82 11.31 3.82
C SER B 35 -14.19 10.87 3.26
N VAL B 36 -14.44 9.54 3.13
CA VAL B 36 -15.64 8.97 2.46
C VAL B 36 -16.95 9.61 2.99
N GLY B 37 -17.77 10.04 2.02
CA GLY B 37 -19.03 10.71 2.28
C GLY B 37 -19.04 12.15 1.81
N ALA B 38 -17.85 12.77 1.73
CA ALA B 38 -17.69 14.14 1.28
C ALA B 38 -17.87 14.20 -0.20
N ASP B 39 -18.53 15.27 -0.67
CA ASP B 39 -18.90 15.53 -2.05
C ASP B 39 -17.76 15.82 -2.99
N TYR B 40 -16.60 16.14 -2.43
CA TYR B 40 -15.41 16.47 -3.17
C TYR B 40 -14.75 15.23 -3.70
N HIS B 41 -15.11 14.08 -3.11
CA HIS B 41 -14.56 12.76 -3.40
C HIS B 41 -15.55 11.96 -4.20
N GLU B 42 -16.48 12.64 -4.89
CA GLU B 42 -17.51 12.01 -5.72
C GLU B 42 -17.65 12.82 -7.00
N GLY B 43 -18.41 12.25 -7.95
CA GLY B 43 -18.77 12.86 -9.23
C GLY B 43 -17.77 13.74 -9.95
N GLU B 44 -18.28 14.85 -10.52
CA GLU B 44 -17.47 15.79 -11.30
C GLU B 44 -16.34 16.37 -10.47
N LYS B 45 -16.57 16.55 -9.14
CA LYS B 45 -15.53 17.08 -8.24
C LYS B 45 -14.33 16.12 -8.17
N LEU B 46 -14.58 14.81 -8.03
CA LEU B 46 -13.53 13.80 -7.97
C LEU B 46 -12.90 13.64 -9.35
N ALA B 47 -13.76 13.48 -10.39
CA ALA B 47 -13.32 13.37 -11.77
C ALA B 47 -12.36 14.49 -12.10
N ALA B 48 -12.69 15.75 -11.71
CA ALA B 48 -11.87 16.94 -11.91
C ALA B 48 -10.52 16.89 -11.19
N THR B 49 -10.49 16.22 -10.00
CA THR B 49 -9.28 16.06 -9.17
C THR B 49 -8.35 15.10 -9.88
N ILE B 50 -8.88 14.00 -10.44
CA ILE B 50 -8.07 13.06 -11.22
C ILE B 50 -7.45 13.80 -12.41
N ASP B 51 -8.22 14.74 -13.05
CA ASP B 51 -7.77 15.60 -14.16
C ASP B 51 -6.50 16.35 -13.75
N LEU B 52 -6.57 17.05 -12.60
CA LEU B 52 -5.47 17.81 -12.00
C LEU B 52 -4.26 16.90 -11.67
N ILE B 53 -4.53 15.73 -11.08
CA ILE B 53 -3.51 14.75 -10.72
C ILE B 53 -2.70 14.38 -11.97
N ASN B 54 -3.40 14.18 -13.10
CA ASN B 54 -2.75 13.78 -14.34
C ASN B 54 -1.98 14.93 -14.98
N ARG B 55 -2.41 16.20 -14.73
CA ARG B 55 -1.69 17.40 -15.17
C ARG B 55 -0.39 17.49 -14.32
N SER B 56 -0.50 17.24 -13.00
CA SER B 56 0.58 17.32 -12.00
C SER B 56 1.76 16.37 -12.23
N ASN B 57 1.57 15.31 -13.03
CA ASN B 57 2.58 14.30 -13.39
C ASN B 57 3.34 13.74 -12.16
N PHE B 58 2.60 13.00 -11.32
CA PHE B 58 3.21 12.46 -10.11
C PHE B 58 4.07 11.23 -10.36
N GLY B 59 4.84 10.87 -9.35
CA GLY B 59 5.69 9.68 -9.36
C GLY B 59 4.86 8.46 -9.02
N ARG B 60 3.98 8.63 -8.01
CA ARG B 60 3.03 7.64 -7.48
C ARG B 60 1.98 8.38 -6.64
N VAL B 61 0.80 7.78 -6.54
CA VAL B 61 -0.34 8.29 -5.79
C VAL B 61 -0.95 7.17 -4.91
N SER B 62 -1.09 7.45 -3.59
CA SER B 62 -1.76 6.53 -2.67
C SER B 62 -3.14 7.11 -2.43
N ILE B 63 -4.19 6.38 -2.85
CA ILE B 63 -5.55 6.82 -2.64
C ILE B 63 -5.92 6.28 -1.25
N ALA B 64 -5.87 7.18 -0.25
CA ALA B 64 -6.18 6.86 1.14
C ALA B 64 -7.67 6.96 1.39
N VAL B 65 -8.33 5.81 1.45
CA VAL B 65 -9.76 5.69 1.71
C VAL B 65 -9.91 5.62 3.25
N ALA B 66 -10.17 6.81 3.86
CA ALA B 66 -10.39 6.96 5.29
C ALA B 66 -11.84 6.59 5.59
N ASP B 67 -12.15 5.28 5.49
CA ASP B 67 -13.50 4.78 5.63
C ASP B 67 -13.92 4.54 7.07
N THR B 68 -13.28 3.56 7.76
CA THR B 68 -13.57 3.14 9.16
C THR B 68 -13.30 4.22 10.19
N LEU B 69 -12.47 5.22 9.88
CA LEU B 69 -12.23 6.39 10.71
C LEU B 69 -13.59 7.13 10.89
N GLN B 70 -14.42 7.13 9.83
CA GLN B 70 -15.73 7.80 9.85
C GLN B 70 -16.71 7.18 10.84
N ARG B 71 -16.39 5.96 11.38
CA ARG B 71 -17.23 5.26 12.35
C ARG B 71 -17.59 6.13 13.57
N HIS B 72 -16.73 7.13 13.85
CA HIS B 72 -16.85 8.01 14.99
C HIS B 72 -18.06 8.92 14.92
N ASN B 73 -18.53 9.22 13.69
CA ASN B 73 -19.68 10.10 13.47
C ASN B 73 -21.01 9.35 13.50
N LEU B 74 -20.95 8.04 13.30
CA LEU B 74 -22.10 7.16 13.35
C LEU B 74 -22.54 6.98 14.80
N SER B 75 -23.84 6.68 15.00
CA SER B 75 -24.39 6.50 16.34
C SER B 75 -25.23 5.22 16.41
N GLY B 76 -25.26 4.64 17.61
CA GLY B 76 -26.00 3.42 17.88
C GLY B 76 -25.19 2.17 17.64
N GLY B 77 -25.38 1.19 18.54
CA GLY B 77 -24.70 -0.10 18.51
C GLY B 77 -23.34 -0.02 19.15
N THR B 78 -22.53 -1.09 18.97
CA THR B 78 -21.16 -1.17 19.53
C THR B 78 -20.15 -0.56 18.55
N ASP B 79 -18.92 -0.18 19.03
CA ASP B 79 -17.88 0.35 18.14
C ASP B 79 -17.61 -0.62 16.99
N ILE B 80 -17.87 -1.91 17.24
CA ILE B 80 -17.71 -3.02 16.30
C ILE B 80 -18.76 -2.92 15.18
N ASP B 81 -20.05 -2.68 15.56
CA ASP B 81 -21.20 -2.53 14.64
C ASP B 81 -20.98 -1.28 13.77
N ARG B 82 -20.62 -0.15 14.42
CA ARG B 82 -20.37 1.14 13.79
C ARG B 82 -19.15 1.10 12.92
N HIS B 83 -18.15 0.32 13.30
CA HIS B 83 -16.95 0.18 12.47
C HIS B 83 -17.36 -0.49 11.16
N ALA B 84 -18.15 -1.58 11.29
CA ALA B 84 -18.61 -2.38 10.16
C ALA B 84 -19.38 -1.54 9.16
N ARG B 85 -20.30 -0.67 9.65
CA ARG B 85 -21.12 0.22 8.82
C ARG B 85 -20.18 1.08 7.95
N ALA B 86 -19.27 1.81 8.63
CA ALA B 86 -18.25 2.69 8.08
C ALA B 86 -17.38 2.01 7.02
N ARG B 87 -17.09 0.71 7.23
CA ARG B 87 -16.28 -0.13 6.32
C ARG B 87 -17.05 -0.36 5.04
N ILE B 88 -18.35 -0.63 5.16
CA ILE B 88 -19.24 -0.91 4.03
C ILE B 88 -19.33 0.31 3.12
N ALA B 89 -19.32 1.52 3.73
CA ALA B 89 -19.39 2.78 3.04
C ALA B 89 -18.20 2.92 2.12
N GLY B 90 -17.03 2.51 2.63
CA GLY B 90 -15.77 2.52 1.90
C GLY B 90 -15.83 1.54 0.77
N ASP B 91 -16.30 0.31 1.07
CA ASP B 91 -16.49 -0.81 0.14
C ASP B 91 -17.24 -0.29 -1.09
N GLU B 92 -18.30 0.51 -0.82
CA GLU B 92 -19.18 1.15 -1.79
C GLU B 92 -18.51 2.30 -2.53
N TRP B 93 -17.81 3.18 -1.80
CA TRP B 93 -17.10 4.30 -2.40
C TRP B 93 -16.15 3.72 -3.47
N ILE B 94 -15.27 2.80 -3.02
CA ILE B 94 -14.31 2.07 -3.86
C ILE B 94 -15.00 1.53 -5.13
N ALA B 95 -16.18 0.92 -4.92
CA ALA B 95 -16.98 0.34 -5.99
C ALA B 95 -17.50 1.36 -7.03
N ARG B 96 -17.94 2.57 -6.59
CA ARG B 96 -18.42 3.53 -7.59
C ARG B 96 -17.28 4.36 -8.20
N ASN B 97 -16.31 4.75 -7.38
CA ASN B 97 -15.26 5.60 -7.89
C ASN B 97 -14.04 4.83 -8.41
N SER B 98 -14.13 3.46 -8.56
CA SER B 98 -12.99 2.68 -9.05
C SER B 98 -12.61 3.03 -10.50
N THR B 99 -13.56 2.87 -11.42
CA THR B 99 -13.39 3.19 -12.85
C THR B 99 -12.67 4.53 -13.06
N LEU B 100 -12.91 5.47 -12.16
CA LEU B 100 -12.38 6.80 -12.19
C LEU B 100 -10.94 6.83 -11.66
N LEU B 101 -10.66 6.11 -10.55
CA LEU B 101 -9.31 6.01 -9.97
C LEU B 101 -8.39 5.29 -10.95
N ASP B 102 -8.97 4.35 -11.75
CA ASP B 102 -8.27 3.59 -12.78
C ASP B 102 -7.76 4.55 -13.85
N ARG B 103 -8.34 5.75 -13.88
CA ARG B 103 -7.98 6.73 -14.89
C ARG B 103 -6.86 7.67 -14.44
N ILE B 104 -6.22 7.40 -13.26
CA ILE B 104 -4.98 8.11 -12.85
C ILE B 104 -3.93 7.41 -13.69
N ASP B 105 -3.04 8.15 -14.35
CA ASP B 105 -2.08 7.55 -15.29
C ASP B 105 -0.84 6.95 -14.63
N CYS B 106 -0.27 7.63 -13.61
CA CYS B 106 0.92 7.14 -12.91
C CYS B 106 0.60 5.88 -12.03
N PRO B 107 1.60 5.24 -11.36
CA PRO B 107 1.27 4.10 -10.51
C PRO B 107 0.44 4.50 -9.30
N THR B 108 -0.55 3.67 -8.97
CA THR B 108 -1.36 3.93 -7.80
C THR B 108 -1.46 2.72 -6.82
N ASN B 109 -2.08 2.99 -5.67
CA ASN B 109 -2.35 2.00 -4.67
C ASN B 109 -3.54 2.54 -3.90
N VAL B 110 -4.46 1.62 -3.52
CA VAL B 110 -5.63 1.95 -2.72
C VAL B 110 -5.39 1.51 -1.28
N LEU B 111 -5.15 2.48 -0.42
CA LEU B 111 -4.90 2.21 0.99
C LEU B 111 -6.20 2.36 1.79
N ARG B 112 -6.59 1.30 2.50
CA ARG B 112 -7.79 1.38 3.31
C ARG B 112 -7.45 1.58 4.78
N TRP B 113 -8.18 2.50 5.44
CA TRP B 113 -7.95 2.91 6.82
C TRP B 113 -7.54 1.78 7.78
N ASP B 114 -8.18 0.61 7.75
CA ASP B 114 -7.81 -0.49 8.65
C ASP B 114 -6.37 -0.98 8.46
N PHE B 115 -5.83 -0.87 7.24
CA PHE B 115 -4.47 -1.26 6.92
C PHE B 115 -3.46 -0.26 7.49
N ALA B 116 -3.85 1.03 7.45
CA ALA B 116 -3.02 2.09 8.02
C ALA B 116 -2.95 1.89 9.53
N LEU B 117 -4.11 1.64 10.18
CA LEU B 117 -4.17 1.41 11.63
C LEU B 117 -3.35 0.15 12.03
N SER B 118 -3.23 -0.79 11.07
CA SER B 118 -2.43 -1.99 11.21
C SER B 118 -0.89 -1.79 11.06
N HIS B 119 -0.41 -0.59 10.66
CA HIS B 119 1.02 -0.37 10.47
C HIS B 119 1.77 -0.48 11.83
N PRO B 120 2.92 -1.22 11.86
CA PRO B 120 3.69 -1.39 13.12
C PRO B 120 3.95 -0.10 13.94
N ARG B 121 4.22 0.99 13.22
CA ARG B 121 4.52 2.30 13.81
C ARG B 121 3.30 3.00 14.41
N TYR B 122 2.04 2.61 13.98
CA TYR B 122 0.83 3.29 14.44
C TYR B 122 0.75 3.39 15.92
N GLY B 123 0.99 2.28 16.60
CA GLY B 123 0.93 2.22 18.04
C GLY B 123 1.66 3.36 18.71
N ASP B 124 2.98 3.37 18.51
CA ASP B 124 3.91 4.34 19.06
C ASP B 124 3.60 5.78 18.67
N LEU B 125 3.17 5.99 17.40
CA LEU B 125 2.84 7.32 16.89
C LEU B 125 1.57 7.88 17.52
N TYR B 126 0.60 6.97 17.86
CA TYR B 126 -0.65 7.36 18.52
C TYR B 126 -0.28 7.91 19.87
N ASP B 127 0.57 7.14 20.59
CA ASP B 127 1.08 7.47 21.91
C ASP B 127 1.82 8.78 21.91
N ALA B 128 2.60 9.04 20.84
CA ALA B 128 3.37 10.29 20.69
C ALA B 128 2.45 11.47 20.57
N VAL B 129 1.34 11.27 19.86
CA VAL B 129 0.35 12.30 19.57
C VAL B 129 -0.49 12.58 20.79
N GLU B 130 -0.83 11.52 21.54
CA GLU B 130 -1.61 11.65 22.76
C GLU B 130 -0.75 12.40 23.78
N HIS B 131 0.54 12.06 23.84
CA HIS B 131 1.47 12.73 24.72
C HIS B 131 1.54 14.20 24.38
N ALA B 132 1.62 14.51 23.07
CA ALA B 132 1.66 15.86 22.54
C ALA B 132 0.41 16.64 22.95
N TYR B 133 -0.77 15.96 22.96
CA TYR B 133 -2.04 16.55 23.39
C TYR B 133 -2.02 16.83 24.89
N GLU B 134 -1.21 16.08 25.64
CA GLU B 134 -1.12 16.29 27.07
C GLU B 134 -0.15 17.38 27.45
N THR B 135 0.95 17.53 26.70
CA THR B 135 2.04 18.43 27.07
C THR B 135 2.17 19.75 26.22
N ASP B 136 2.07 19.68 24.90
CA ASP B 136 2.21 20.83 24.03
C ASP B 136 0.92 21.66 24.03
N GLU B 137 0.89 22.80 24.79
CA GLU B 137 -0.30 23.65 24.85
C GLU B 137 -0.80 24.08 23.44
N PRO B 138 0.03 24.49 22.46
CA PRO B 138 -0.53 24.83 21.15
C PRO B 138 -1.38 23.71 20.53
N TYR B 139 -0.89 22.46 20.66
CA TYR B 139 -1.56 21.28 20.13
C TYR B 139 -2.85 21.00 20.86
N ARG B 140 -2.83 21.07 22.22
CA ARG B 140 -3.99 20.84 23.10
C ARG B 140 -5.02 21.85 22.70
N HIS B 141 -4.62 23.14 22.58
CA HIS B 141 -5.51 24.21 22.18
C HIS B 141 -6.12 23.95 20.82
N ALA B 142 -5.29 23.60 19.83
CA ALA B 142 -5.73 23.32 18.47
C ALA B 142 -6.83 22.26 18.43
N ILE B 143 -6.66 21.15 19.20
CA ILE B 143 -7.61 20.04 19.26
C ILE B 143 -8.86 20.45 20.02
N ASP B 144 -8.69 20.91 21.29
CA ASP B 144 -9.80 21.32 22.15
C ASP B 144 -10.74 22.32 21.43
N SER B 145 -10.16 23.38 20.82
CA SER B 145 -10.92 24.38 20.06
C SER B 145 -11.58 23.78 18.80
N THR B 146 -10.92 22.77 18.11
CA THR B 146 -11.51 22.09 16.92
C THR B 146 -12.81 21.37 17.31
N ILE B 147 -12.78 20.65 18.46
CA ILE B 147 -13.93 19.93 19.04
C ILE B 147 -15.02 20.94 19.42
N ASP B 148 -14.63 22.03 20.10
CA ASP B 148 -15.53 23.11 20.53
C ASP B 148 -16.31 23.68 19.33
N ARG B 149 -15.66 23.79 18.16
CA ARG B 149 -16.29 24.26 16.93
C ARG B 149 -17.36 23.24 16.47
N PHE B 150 -17.01 21.93 16.53
CA PHE B 150 -17.87 20.81 16.13
C PHE B 150 -19.11 20.67 17.02
N ILE B 151 -18.95 20.87 18.35
CA ILE B 151 -20.07 20.80 19.29
C ILE B 151 -21.12 21.89 18.97
N GLU B 152 -20.65 23.11 18.61
CA GLU B 152 -21.47 24.27 18.24
C GLU B 152 -22.35 23.97 17.02
N ARG B 153 -21.74 23.34 15.99
CA ARG B 153 -22.36 22.93 14.73
C ARG B 153 -23.44 21.87 14.99
N ARG B 154 -23.15 20.89 15.89
CA ARG B 154 -24.09 19.81 16.22
C ARG B 154 -25.33 20.36 16.95
N LEU B 155 -25.15 21.17 18.02
CA LEU B 155 -26.23 21.80 18.81
C LEU B 155 -27.18 22.68 17.99
N SER B 156 -26.60 23.44 17.02
CA SER B 156 -27.32 24.34 16.11
C SER B 156 -28.44 23.60 15.33
N ARG B 157 -28.31 22.27 15.19
CA ARG B 157 -29.26 21.39 14.52
C ARG B 157 -29.98 20.46 15.52
N GLU B 158 -29.21 19.80 16.41
CA GLU B 158 -29.72 18.86 17.42
C GLU B 158 -29.47 19.45 18.81
N PRO B 159 -30.39 20.29 19.35
CA PRO B 159 -30.12 20.92 20.64
C PRO B 159 -30.15 19.93 21.81
N ASP B 160 -30.92 18.84 21.67
CA ASP B 160 -31.02 17.79 22.68
C ASP B 160 -29.93 16.69 22.54
N VAL B 161 -28.73 17.07 22.04
CA VAL B 161 -27.63 16.12 21.86
C VAL B 161 -26.80 15.98 23.13
N ASP B 162 -26.28 14.76 23.37
CA ASP B 162 -25.38 14.52 24.50
C ASP B 162 -24.07 15.13 24.06
N GLN B 163 -23.76 16.30 24.61
CA GLN B 163 -22.57 17.06 24.26
C GLN B 163 -21.28 16.30 24.56
N GLU B 164 -21.23 15.60 25.72
CA GLU B 164 -20.04 14.83 26.10
C GLU B 164 -19.84 13.61 25.19
N SER B 165 -20.93 13.06 24.62
CA SER B 165 -20.82 11.94 23.68
C SER B 165 -20.14 12.39 22.36
N VAL B 166 -20.46 13.63 21.89
CA VAL B 166 -19.92 14.27 20.68
C VAL B 166 -18.45 14.60 20.95
N ARG B 167 -18.18 15.22 22.12
CA ARG B 167 -16.85 15.60 22.56
C ARG B 167 -15.92 14.39 22.55
N LYS B 168 -16.32 13.28 23.20
CA LYS B 168 -15.56 12.04 23.29
C LYS B 168 -15.17 11.52 21.90
N ALA B 169 -16.20 11.44 21.00
CA ALA B 169 -16.15 10.98 19.62
C ALA B 169 -15.22 11.81 18.79
N CYS B 170 -15.37 13.12 18.87
CA CYS B 170 -14.58 14.05 18.12
C CYS B 170 -13.09 13.95 18.48
N ARG B 171 -12.78 13.86 19.78
CA ARG B 171 -11.42 13.73 20.31
C ARG B 171 -10.82 12.45 19.75
N ALA B 172 -11.63 11.35 19.73
CA ALA B 172 -11.26 10.03 19.26
C ALA B 172 -10.80 10.07 17.84
N TYR B 173 -11.62 10.74 16.97
CA TYR B 173 -11.45 10.92 15.53
C TYR B 173 -10.16 11.65 15.25
N LEU B 174 -10.01 12.88 15.80
CA LEU B 174 -8.82 13.71 15.58
C LEU B 174 -7.56 13.02 15.97
N LEU B 175 -7.57 12.32 17.10
CA LEU B 175 -6.38 11.59 17.59
C LEU B 175 -6.04 10.38 16.76
N GLU B 176 -7.03 9.71 16.17
CA GLU B 176 -6.82 8.51 15.37
C GLU B 176 -6.19 8.88 14.05
N GLU B 177 -6.63 10.01 13.51
CA GLU B 177 -6.31 10.59 12.23
C GLU B 177 -4.86 11.07 12.15
N CYS B 178 -4.47 11.99 13.06
CA CYS B 178 -3.18 12.65 13.06
C CYS B 178 -1.97 11.75 12.96
N PRO B 179 -1.78 10.68 13.76
CA PRO B 179 -0.56 9.88 13.61
C PRO B 179 -0.35 9.28 12.24
N ILE B 180 -1.43 8.99 11.51
CA ILE B 180 -1.33 8.42 10.17
C ILE B 180 -0.95 9.50 9.17
N ILE B 181 -1.88 10.48 8.96
CA ILE B 181 -1.80 11.51 7.95
C ILE B 181 -0.51 12.28 8.00
N PRO B 183 2.77 12.08 10.69
CA PRO B 183 4.07 11.39 10.85
C PRO B 183 4.24 10.08 10.12
N LEU B 184 3.20 9.19 10.07
CA LEU B 184 3.35 7.89 9.39
C LEU B 184 3.65 8.08 7.92
N TRP B 185 2.79 8.84 7.21
CA TRP B 185 2.97 9.10 5.78
C TRP B 185 4.25 9.88 5.46
N ALA B 186 4.84 10.57 6.45
CA ALA B 186 6.11 11.25 6.24
C ALA B 186 7.16 10.15 6.13
N HIS B 187 7.17 9.19 7.09
CA HIS B 187 8.08 8.04 7.13
C HIS B 187 7.91 7.18 5.87
N GLU B 188 6.64 6.96 5.45
CA GLU B 188 6.25 6.18 4.27
C GLU B 188 6.79 6.81 2.94
N GLY B 189 7.32 8.04 3.03
CA GLY B 189 7.95 8.78 1.95
C GLY B 189 7.04 9.54 1.03
N PHE B 190 6.10 10.33 1.58
CA PHE B 190 5.16 11.11 0.78
C PHE B 190 5.46 12.58 0.77
N ASP B 191 5.65 13.11 -0.41
CA ASP B 191 6.00 14.50 -0.60
C ASP B 191 4.81 15.43 -0.39
N PHE B 192 3.57 14.95 -0.64
CA PHE B 192 2.37 15.76 -0.52
C PHE B 192 1.13 15.01 -0.11
N VAL B 193 0.12 15.73 0.39
CA VAL B 193 -1.18 15.20 0.73
C VAL B 193 -2.23 16.09 0.06
N ILE B 194 -3.20 15.50 -0.71
CA ILE B 194 -4.20 16.28 -1.45
C ILE B 194 -5.57 16.20 -0.78
N TYR B 195 -6.00 17.35 -0.26
CA TYR B 195 -7.29 17.44 0.40
C TYR B 195 -8.01 18.68 -0.07
N PRO B 196 -9.33 18.57 -0.34
CA PRO B 196 -10.11 19.74 -0.78
C PRO B 196 -10.16 20.93 0.18
N GLN B 197 -10.04 20.68 1.49
CA GLN B 197 -10.06 21.75 2.48
C GLN B 197 -8.65 22.04 2.99
N ARG B 198 -8.30 23.33 3.19
CA ARG B 198 -6.99 23.74 3.71
C ARG B 198 -6.72 23.06 5.07
N ILE B 199 -5.41 22.84 5.38
CA ILE B 199 -4.94 22.13 6.56
C ILE B 199 -5.62 22.56 7.86
N SER B 200 -5.94 21.56 8.71
CA SER B 200 -6.57 21.76 10.02
C SER B 200 -5.64 22.56 10.95
N ALA B 201 -6.22 23.14 12.03
CA ALA B 201 -5.46 23.84 13.07
C ALA B 201 -4.61 22.79 13.78
N ALA B 202 -5.26 21.65 14.12
CA ALA B 202 -4.69 20.48 14.78
C ALA B 202 -3.77 19.74 13.85
N GLY B 204 -2.03 21.02 11.35
CA GLY B 204 -0.87 21.88 11.25
C GLY B 204 0.10 21.61 12.37
N ARG B 205 -0.36 21.78 13.64
CA ARG B 205 0.49 21.52 14.81
C ARG B 205 1.19 20.16 14.74
N THR B 206 0.48 19.09 14.26
CA THR B 206 1.05 17.76 14.11
C THR B 206 2.25 17.82 13.18
N ARG B 207 2.07 18.43 12.00
CA ARG B 207 3.13 18.61 11.01
C ARG B 207 4.28 19.38 11.61
N GLU B 208 3.98 20.46 12.38
CA GLU B 208 5.00 21.28 13.05
C GLU B 208 5.79 20.43 14.08
N LEU B 209 5.09 19.52 14.79
CA LEU B 209 5.69 18.73 15.85
C LEU B 209 6.43 17.48 15.39
N PHE B 210 5.86 16.76 14.41
CA PHE B 210 6.35 15.49 13.92
C PHE B 210 6.96 15.49 12.51
N VAL B 211 6.76 16.53 11.72
CA VAL B 211 7.28 16.48 10.35
C VAL B 211 8.36 17.54 10.10
N VAL B 212 8.07 18.78 10.46
CA VAL B 212 8.89 19.96 10.26
C VAL B 212 10.30 19.85 10.87
N PRO B 213 10.52 19.27 12.07
CA PRO B 213 11.89 19.26 12.60
C PRO B 213 12.89 18.49 11.73
N GLU B 214 12.48 17.34 11.24
CA GLU B 214 13.37 16.53 10.43
C GLU B 214 13.11 16.55 8.92
N HIS B 215 11.84 16.56 8.51
CA HIS B 215 11.45 16.48 7.11
C HIS B 215 10.42 17.53 6.71
N PRO B 216 10.78 18.84 6.65
CA PRO B 216 9.79 19.85 6.23
C PRO B 216 9.38 19.73 4.75
N ASP B 217 10.27 19.09 3.97
CA ASP B 217 10.20 18.73 2.54
C ASP B 217 9.06 17.71 2.31
N ARG B 218 8.71 16.95 3.40
CA ARG B 218 7.73 15.88 3.35
C ARG B 218 6.33 16.32 3.74
N VAL B 219 5.31 15.52 3.33
CA VAL B 219 3.85 15.64 3.55
C VAL B 219 3.36 17.10 3.53
N ALA B 220 3.63 17.79 2.44
CA ALA B 220 3.19 19.16 2.28
C ALA B 220 1.76 19.07 1.86
N TRP B 221 0.90 19.87 2.47
CA TRP B 221 -0.52 19.83 2.18
C TRP B 221 -0.86 20.69 0.95
N LEU B 222 -1.57 20.07 -0.02
CA LEU B 222 -2.02 20.76 -1.22
C LEU B 222 -3.52 20.77 -1.14
N PRO B 223 -4.12 21.92 -0.78
CA PRO B 223 -5.58 21.98 -0.75
C PRO B 223 -6.16 22.26 -2.16
N LEU B 224 -7.45 21.96 -2.35
CA LEU B 224 -8.08 22.16 -3.66
C LEU B 224 -9.04 23.32 -3.68
N ARG B 225 -9.09 23.93 -4.86
CA ARG B 225 -9.92 25.07 -5.30
C ARG B 225 -10.74 24.53 -6.51
N PHE B 226 -12.08 24.64 -6.45
CA PHE B 226 -12.87 24.14 -7.58
C PHE B 226 -13.46 25.26 -8.40
N LYS B 227 -13.60 25.03 -9.71
CA LYS B 227 -14.12 26.03 -10.65
C LYS B 227 -14.95 25.37 -11.77
N LYS B 228 -16.16 25.89 -12.04
CA LYS B 228 -17.01 25.39 -13.13
C LYS B 228 -16.48 25.98 -14.44
N ARG B 229 -16.14 25.10 -15.38
CA ARG B 229 -15.56 25.44 -16.69
C ARG B 229 -16.64 25.99 -17.65
N LYS B 230 -16.22 26.69 -18.74
CA LYS B 230 -17.16 27.20 -19.73
C LYS B 230 -16.68 27.01 -21.15
#